data_7DYV
#
_entry.id   7DYV
#
_cell.length_a   49.338
_cell.length_b   65.339
_cell.length_c   78.610
_cell.angle_alpha   90.000
_cell.angle_beta   90.000
_cell.angle_gamma   90.000
#
_symmetry.space_group_name_H-M   'P 21 21 21'
#
loop_
_entity.id
_entity.type
_entity.pdbx_description
1 polymer 'Bifunctional peptidase and arginyl-hydroxylase JMJD5'
2 non-polymer 'MANGANESE (II) ION'
3 non-polymer '5-(benzylamino)pyridine-2,4-dicarboxylic acid'
4 water water
#
_entity_poly.entity_id   1
_entity_poly.type   'polypeptide(L)'
_entity_poly.pdbx_seq_one_letter_code
;STVPRLHRPSLQHFREQFLVPGRPVILKGVADHWPCMQKWSLEYIQEIAGCRTVPVEVGSRYTDEEWSQTLMTVNEFISK
YIVNEPRDVGYLAQHQLFDQIPELKQDISIPDYCSLGDGEEEEITINAWFGPQGTISPLHQDPQQNFLVQVMGRKYIRLY
SPQESGALYPHDTHLLHNTSQVDVENPDLEKFPKFAKAPFLSCILSPGEILFIPVKYWHYVRALDLSFSVSFWWS
;
_entity_poly.pdbx_strand_id   A
#
loop_
_chem_comp.id
_chem_comp.type
_chem_comp.name
_chem_comp.formula
HRF non-polymer '5-(benzylamino)pyridine-2,4-dicarboxylic acid' 'C14 H12 N2 O4'
MN non-polymer 'MANGANESE (II) ION' 'Mn 2'
#
# COMPACT_ATOMS: atom_id res chain seq x y z
N SER A 1 6.83 -10.90 15.31
CA SER A 1 8.18 -10.50 14.95
C SER A 1 8.15 -9.54 13.76
N THR A 2 9.28 -8.90 13.50
CA THR A 2 9.35 -7.80 12.54
C THR A 2 9.82 -8.27 11.18
N VAL A 3 9.37 -7.55 10.15
CA VAL A 3 9.82 -7.83 8.77
C VAL A 3 11.31 -7.52 8.67
N PRO A 4 12.12 -8.40 8.08
CA PRO A 4 13.54 -8.08 7.94
C PRO A 4 13.77 -6.94 6.97
N ARG A 5 14.84 -6.19 7.21
CA ARG A 5 15.27 -5.10 6.35
C ARG A 5 16.61 -5.47 5.73
N LEU A 6 16.69 -5.39 4.40
CA LEU A 6 17.93 -5.65 3.66
C LEU A 6 18.25 -4.47 2.77
N HIS A 7 19.52 -4.09 2.74
CA HIS A 7 19.99 -2.99 1.90
C HIS A 7 20.33 -3.55 0.52
N ARG A 8 19.56 -3.17 -0.49
CA ARG A 8 19.89 -3.41 -1.89
C ARG A 8 20.39 -4.84 -2.12
N PRO A 9 19.61 -5.86 -1.72
CA PRO A 9 20.02 -7.24 -2.00
C PRO A 9 20.08 -7.50 -3.50
N SER A 10 20.93 -8.45 -3.88
CA SER A 10 21.04 -8.84 -5.27
C SER A 10 19.73 -9.43 -5.77
N LEU A 11 19.54 -9.40 -7.09
CA LEU A 11 18.36 -10.00 -7.69
C LEU A 11 18.26 -11.48 -7.34
N GLN A 12 19.40 -12.18 -7.37
CA GLN A 12 19.38 -13.60 -7.01
C GLN A 12 19.06 -13.80 -5.53
N HIS A 13 19.61 -12.96 -4.67
CA HIS A 13 19.33 -13.08 -3.24
C HIS A 13 17.86 -12.81 -2.95
N PHE A 14 17.29 -11.79 -3.59
CA PHE A 14 15.86 -11.53 -3.42
C PHE A 14 15.02 -12.66 -4.00
N ARG A 15 15.38 -13.15 -5.19
N ARG A 15 15.39 -13.17 -5.17
CA ARG A 15 14.61 -14.22 -5.80
CA ARG A 15 14.60 -14.22 -5.80
C ARG A 15 14.59 -15.46 -4.90
C ARG A 15 14.59 -15.48 -4.93
N GLU A 16 15.77 -15.91 -4.48
CA GLU A 16 15.86 -17.19 -3.79
C GLU A 16 15.28 -17.13 -2.38
N GLN A 17 15.51 -16.04 -1.66
CA GLN A 17 15.19 -15.98 -0.24
C GLN A 17 13.85 -15.34 0.08
N PHE A 18 13.16 -14.76 -0.91
CA PHE A 18 11.92 -14.05 -0.62
C PHE A 18 10.85 -14.24 -1.70
N LEU A 19 11.19 -14.00 -2.96
CA LEU A 19 10.18 -14.07 -4.01
C LEU A 19 9.66 -15.49 -4.18
N VAL A 20 10.55 -16.47 -4.32
CA VAL A 20 10.14 -17.84 -4.61
C VAL A 20 9.43 -18.46 -3.41
N PRO A 21 9.98 -18.35 -2.20
CA PRO A 21 9.26 -18.91 -1.04
C PRO A 21 8.13 -18.03 -0.53
N GLY A 22 8.08 -16.77 -0.93
CA GLY A 22 6.99 -15.89 -0.56
C GLY A 22 7.12 -15.32 0.83
N ARG A 23 8.30 -14.77 1.15
CA ARG A 23 8.56 -14.20 2.47
C ARG A 23 8.65 -12.69 2.39
N PRO A 24 7.98 -11.95 3.27
CA PRO A 24 8.05 -10.49 3.21
C PRO A 24 9.44 -9.98 3.58
N VAL A 25 9.78 -8.82 3.03
CA VAL A 25 11.03 -8.16 3.36
C VAL A 25 10.88 -6.68 3.03
N ILE A 26 11.63 -5.84 3.75
CA ILE A 26 11.72 -4.42 3.46
C ILE A 26 13.05 -4.17 2.75
N LEU A 27 13.00 -3.57 1.57
CA LEU A 27 14.21 -3.26 0.80
C LEU A 27 14.65 -1.83 1.11
N LYS A 28 15.88 -1.69 1.61
CA LYS A 28 16.48 -0.41 1.89
C LYS A 28 17.47 -0.03 0.80
N GLY A 29 17.66 1.28 0.61
CA GLY A 29 18.61 1.77 -0.36
C GLY A 29 18.20 1.61 -1.80
N VAL A 30 16.95 1.32 -2.09
CA VAL A 30 16.48 1.09 -3.44
C VAL A 30 15.69 2.28 -3.95
N ALA A 31 14.67 2.69 -3.21
CA ALA A 31 13.84 3.81 -3.58
C ALA A 31 14.19 5.10 -2.87
N ASP A 32 15.13 5.07 -1.92
CA ASP A 32 15.37 6.23 -1.07
C ASP A 32 15.98 7.42 -1.81
N HIS A 33 16.44 7.23 -3.05
CA HIS A 33 16.94 8.35 -3.85
C HIS A 33 16.09 8.61 -5.08
N TRP A 34 14.88 8.06 -5.14
CA TRP A 34 13.95 8.45 -6.20
C TRP A 34 13.57 9.92 -6.03
N PRO A 35 13.40 10.67 -7.12
CA PRO A 35 13.09 12.10 -6.97
C PRO A 35 11.86 12.37 -6.12
N CYS A 36 10.90 11.44 -6.06
CA CYS A 36 9.71 11.66 -5.26
C CYS A 36 10.04 11.85 -3.79
N MET A 37 11.11 11.22 -3.31
CA MET A 37 11.43 11.27 -1.89
C MET A 37 11.72 12.70 -1.42
N GLN A 38 12.27 13.54 -2.30
CA GLN A 38 12.59 14.92 -1.93
C GLN A 38 11.63 15.95 -2.51
N LYS A 39 10.89 15.60 -3.57
CA LYS A 39 10.07 16.56 -4.29
C LYS A 39 8.62 16.59 -3.85
N TRP A 40 8.04 15.45 -3.47
CA TRP A 40 6.61 15.37 -3.22
C TRP A 40 6.29 16.00 -1.87
N SER A 41 5.78 17.23 -1.91
CA SER A 41 5.13 17.87 -0.79
C SER A 41 3.69 18.15 -1.20
N LEU A 42 2.87 18.55 -0.22
CA LEU A 42 1.53 19.01 -0.57
C LEU A 42 1.61 20.11 -1.62
N GLU A 43 2.59 21.01 -1.48
CA GLU A 43 2.74 22.11 -2.42
C GLU A 43 3.03 21.61 -3.83
N TYR A 44 3.95 20.64 -3.94
CA TYR A 44 4.29 20.10 -5.26
C TYR A 44 3.12 19.34 -5.86
N ILE A 45 2.48 18.49 -5.06
CA ILE A 45 1.33 17.72 -5.53
C ILE A 45 0.23 18.66 -6.04
N GLN A 46 -0.03 19.75 -5.31
CA GLN A 46 -1.03 20.71 -5.76
C GLN A 46 -0.63 21.36 -7.07
N GLU A 47 0.65 21.72 -7.20
CA GLU A 47 1.11 22.38 -8.41
C GLU A 47 0.95 21.48 -9.63
N ILE A 48 1.34 20.21 -9.49
N ILE A 48 1.36 20.22 -9.51
CA ILE A 48 1.39 19.31 -10.64
CA ILE A 48 1.37 19.33 -10.66
C ILE A 48 0.07 18.58 -10.87
C ILE A 48 0.02 18.64 -10.88
N ALA A 49 -0.72 18.36 -9.82
CA ALA A 49 -1.93 17.56 -9.91
C ALA A 49 -3.19 18.22 -9.36
N GLY A 50 -3.10 19.47 -8.90
CA GLY A 50 -4.21 20.06 -8.15
C GLY A 50 -5.53 20.04 -8.91
N CYS A 51 -5.49 20.34 -10.20
CA CYS A 51 -6.72 20.54 -10.98
C CYS A 51 -7.26 19.26 -11.60
N ARG A 52 -6.60 18.13 -11.41
CA ARG A 52 -7.05 16.88 -12.01
C ARG A 52 -8.09 16.20 -11.11
N THR A 53 -9.08 15.57 -11.75
CA THR A 53 -10.11 14.84 -11.03
C THR A 53 -9.55 13.50 -10.56
N VAL A 54 -9.79 13.18 -9.29
CA VAL A 54 -9.34 11.90 -8.74
C VAL A 54 -10.48 11.22 -8.00
N PRO A 55 -10.52 9.89 -7.98
CA PRO A 55 -11.51 9.18 -7.16
C PRO A 55 -11.08 9.16 -5.70
N VAL A 56 -12.04 9.33 -4.80
CA VAL A 56 -11.78 9.45 -3.37
C VAL A 56 -12.73 8.54 -2.61
N GLU A 57 -12.17 7.76 -1.68
CA GLU A 57 -12.96 6.90 -0.80
C GLU A 57 -13.24 7.64 0.50
N VAL A 58 -14.51 7.73 0.88
CA VAL A 58 -14.92 8.45 2.08
C VAL A 58 -15.45 7.44 3.09
N GLY A 59 -14.82 7.40 4.26
CA GLY A 59 -15.20 6.47 5.30
C GLY A 59 -16.42 6.93 6.07
N GLU A 66 -17.71 0.93 5.91
CA GLU A 66 -18.78 1.53 5.13
C GLU A 66 -18.27 2.71 4.32
N TRP A 67 -17.39 2.43 3.36
CA TRP A 67 -16.81 3.45 2.51
C TRP A 67 -17.72 3.74 1.31
N SER A 68 -17.83 5.02 0.97
CA SER A 68 -18.43 5.46 -0.28
C SER A 68 -17.36 6.13 -1.14
N GLN A 69 -17.69 6.30 -2.42
CA GLN A 69 -16.72 6.69 -3.43
C GLN A 69 -17.24 7.89 -4.21
N THR A 70 -16.45 8.96 -4.25
CA THR A 70 -16.84 10.19 -4.93
C THR A 70 -15.66 10.69 -5.77
N LEU A 71 -15.88 11.80 -6.48
CA LEU A 71 -14.88 12.40 -7.34
C LEU A 71 -14.67 13.86 -6.95
N MET A 72 -13.45 14.33 -7.08
N MET A 72 -13.44 14.34 -7.08
CA MET A 72 -13.13 15.73 -6.82
CA MET A 72 -13.09 15.70 -6.72
C MET A 72 -11.72 15.99 -7.36
C MET A 72 -11.67 15.99 -7.21
N THR A 73 -11.37 17.27 -7.41
CA THR A 73 -10.02 17.66 -7.79
C THR A 73 -9.07 17.35 -6.65
N VAL A 74 -7.81 17.10 -7.00
CA VAL A 74 -6.78 16.92 -5.97
C VAL A 74 -6.77 18.12 -5.03
N ASN A 75 -6.92 19.32 -5.58
CA ASN A 75 -7.02 20.52 -4.73
C ASN A 75 -8.15 20.36 -3.72
N GLU A 76 -9.34 19.98 -4.19
CA GLU A 76 -10.47 19.77 -3.29
C GLU A 76 -10.15 18.71 -2.24
N PHE A 77 -9.48 17.62 -2.64
CA PHE A 77 -9.20 16.54 -1.70
C PHE A 77 -8.28 17.01 -0.57
N ILE A 78 -7.23 17.76 -0.91
CA ILE A 78 -6.31 18.22 0.11
C ILE A 78 -6.99 19.20 1.05
N SER A 79 -7.81 20.09 0.51
N SER A 79 -7.80 20.10 0.51
CA SER A 79 -8.47 21.09 1.34
CA SER A 79 -8.47 21.09 1.34
C SER A 79 -9.44 20.45 2.32
C SER A 79 -9.42 20.43 2.33
N LYS A 80 -10.22 19.47 1.85
N LYS A 80 -10.22 19.48 1.85
CA LYS A 80 -11.31 18.94 2.65
CA LYS A 80 -11.29 18.94 2.68
C LYS A 80 -10.90 17.78 3.56
C LYS A 80 -10.80 17.85 3.62
N TYR A 81 -9.95 16.95 3.14
CA TYR A 81 -9.61 15.74 3.88
C TYR A 81 -8.20 15.70 4.44
N ILE A 82 -7.39 16.73 4.25
N ILE A 82 -7.40 16.74 4.23
CA ILE A 82 -6.03 16.72 4.77
CA ILE A 82 -6.02 16.73 4.70
C ILE A 82 -5.75 17.91 5.67
C ILE A 82 -5.76 17.90 5.65
N VAL A 83 -5.97 19.13 5.18
CA VAL A 83 -5.52 20.30 5.92
C VAL A 83 -6.57 20.92 6.85
N ASN A 84 -7.86 20.87 6.50
CA ASN A 84 -8.87 21.68 7.19
C ASN A 84 -9.65 20.85 8.20
N GLU A 85 -8.94 20.41 9.25
CA GLU A 85 -9.53 19.61 10.33
C GLU A 85 -10.63 18.74 9.77
N PRO A 86 -10.28 17.70 9.00
CA PRO A 86 -11.30 16.96 8.25
C PRO A 86 -12.46 16.52 9.12
N ARG A 87 -13.65 16.48 8.50
CA ARG A 87 -14.85 15.97 9.16
C ARG A 87 -14.98 14.46 9.06
N ASP A 88 -14.55 13.88 7.93
CA ASP A 88 -14.51 12.43 7.75
C ASP A 88 -13.16 12.05 7.16
N VAL A 89 -12.93 10.76 7.01
CA VAL A 89 -11.69 10.23 6.46
C VAL A 89 -11.86 10.09 4.95
N GLY A 90 -11.03 10.80 4.20
CA GLY A 90 -10.98 10.69 2.75
C GLY A 90 -9.62 10.11 2.36
N TYR A 91 -9.63 9.24 1.35
CA TYR A 91 -8.43 8.52 0.95
C TYR A 91 -8.39 8.45 -0.57
N LEU A 92 -7.35 9.05 -1.16
CA LEU A 92 -7.07 8.91 -2.59
C LEU A 92 -6.36 7.57 -2.76
N ALA A 93 -7.16 6.51 -2.88
CA ALA A 93 -6.66 5.15 -2.77
C ALA A 93 -6.78 4.41 -4.09
N GLN A 94 -5.80 3.52 -4.34
CA GLN A 94 -5.78 2.63 -5.50
C GLN A 94 -6.17 3.36 -6.79
N HIS A 95 -5.45 4.43 -7.07
CA HIS A 95 -5.67 5.21 -8.28
C HIS A 95 -4.39 5.26 -9.11
N GLN A 96 -4.54 5.00 -10.41
CA GLN A 96 -3.40 5.01 -11.34
C GLN A 96 -3.09 6.45 -11.72
N LEU A 97 -2.58 7.19 -10.71
CA LEU A 97 -2.34 8.62 -10.86
C LEU A 97 -1.24 8.91 -11.86
N PHE A 98 -0.30 7.99 -12.05
CA PHE A 98 0.86 8.23 -12.91
C PHE A 98 0.55 7.97 -14.37
N ASP A 99 -0.44 7.13 -14.67
N ASP A 99 -0.44 7.13 -14.67
CA ASP A 99 -0.98 7.08 -16.03
CA ASP A 99 -0.98 7.08 -16.03
C ASP A 99 -1.75 8.34 -16.36
C ASP A 99 -1.75 8.34 -16.36
N GLN A 100 -2.44 8.91 -15.37
CA GLN A 100 -3.21 10.13 -15.59
C GLN A 100 -2.28 11.34 -15.71
N ILE A 101 -1.23 11.38 -14.90
CA ILE A 101 -0.33 12.53 -14.85
C ILE A 101 1.08 12.05 -15.16
N PRO A 102 1.47 11.95 -16.44
CA PRO A 102 2.80 11.39 -16.75
C PRO A 102 3.94 12.21 -16.19
N GLU A 103 3.76 13.51 -15.97
CA GLU A 103 4.84 14.30 -15.39
C GLU A 103 5.21 13.76 -14.00
N LEU A 104 4.27 13.15 -13.30
CA LEU A 104 4.57 12.56 -12.00
C LEU A 104 5.32 11.23 -12.14
N LYS A 105 5.14 10.52 -13.25
CA LYS A 105 5.84 9.26 -13.42
CA LYS A 105 5.84 9.26 -13.42
C LYS A 105 7.35 9.45 -13.53
N GLN A 106 7.81 10.67 -13.85
CA GLN A 106 9.23 10.96 -13.89
C GLN A 106 9.89 10.84 -12.52
N ASP A 107 9.11 10.96 -11.45
CA ASP A 107 9.65 11.00 -10.09
C ASP A 107 9.75 9.63 -9.45
N ILE A 108 9.33 8.57 -10.14
CA ILE A 108 9.42 7.21 -9.64
C ILE A 108 10.10 6.34 -10.70
N SER A 109 10.37 5.10 -10.32
N SER A 109 10.35 5.09 -10.33
CA SER A 109 10.87 4.09 -11.23
CA SER A 109 10.87 4.10 -11.28
C SER A 109 10.16 2.78 -10.91
C SER A 109 10.40 2.72 -10.84
N ILE A 110 10.33 1.81 -11.80
CA ILE A 110 9.91 0.45 -11.53
C ILE A 110 11.08 -0.30 -10.90
N PRO A 111 10.91 -0.90 -9.72
CA PRO A 111 12.04 -1.61 -9.10
C PRO A 111 12.59 -2.68 -10.04
N ASP A 112 13.92 -2.77 -10.09
CA ASP A 112 14.57 -3.78 -10.91
C ASP A 112 14.07 -5.18 -10.57
N TYR A 113 13.75 -5.42 -9.30
CA TYR A 113 13.34 -6.76 -8.88
C TYR A 113 12.09 -7.24 -9.61
N CYS A 114 11.32 -6.32 -10.21
CA CYS A 114 10.14 -6.73 -10.95
C CYS A 114 10.49 -7.59 -12.15
N SER A 115 11.70 -7.39 -12.71
CA SER A 115 12.12 -8.15 -13.88
C SER A 115 12.30 -9.63 -13.57
N LEU A 116 12.29 -10.02 -12.29
CA LEU A 116 12.29 -11.43 -11.92
C LEU A 116 10.93 -12.07 -12.14
N GLY A 117 9.88 -11.29 -12.34
CA GLY A 117 8.57 -11.83 -12.58
C GLY A 117 8.42 -12.40 -13.99
N ASP A 118 7.29 -13.08 -14.20
CA ASP A 118 6.99 -13.69 -15.48
C ASP A 118 6.12 -12.81 -16.37
N GLY A 119 5.72 -11.63 -15.90
CA GLY A 119 4.87 -10.74 -16.66
C GLY A 119 5.64 -9.65 -17.37
N GLU A 120 4.94 -8.98 -18.29
CA GLU A 120 5.53 -7.87 -19.02
C GLU A 120 5.57 -6.63 -18.13
N GLU A 121 6.59 -5.79 -18.37
CA GLU A 121 6.67 -4.53 -17.65
C GLU A 121 5.48 -3.63 -17.95
N GLU A 122 4.95 -3.71 -19.18
CA GLU A 122 3.80 -2.89 -19.55
C GLU A 122 2.56 -3.21 -18.72
N GLU A 123 2.48 -4.41 -18.15
CA GLU A 123 1.31 -4.83 -17.38
CA GLU A 123 1.31 -4.83 -17.38
C GLU A 123 1.44 -4.56 -15.89
N ILE A 124 2.52 -3.90 -15.46
CA ILE A 124 2.65 -3.56 -14.05
C ILE A 124 1.70 -2.41 -13.73
N THR A 125 0.87 -2.60 -12.72
CA THR A 125 -0.09 -1.59 -12.29
C THR A 125 0.51 -0.77 -11.17
N ILE A 126 0.57 0.55 -11.36
CA ILE A 126 1.15 1.48 -10.40
C ILE A 126 0.02 2.31 -9.82
N ASN A 127 -0.26 2.12 -8.52
CA ASN A 127 -1.32 2.84 -7.83
C ASN A 127 -0.71 3.81 -6.83
N ALA A 128 -1.38 4.96 -6.68
CA ALA A 128 -1.03 5.93 -5.65
C ALA A 128 -1.96 5.76 -4.45
N TRP A 129 -1.42 5.98 -3.26
CA TRP A 129 -2.17 5.89 -2.01
C TRP A 129 -1.85 7.15 -1.21
N PHE A 130 -2.73 8.14 -1.29
CA PHE A 130 -2.48 9.48 -0.75
C PHE A 130 -3.65 9.85 0.14
N GLY A 131 -3.37 10.04 1.43
CA GLY A 131 -4.42 10.34 2.38
C GLY A 131 -3.88 10.79 3.72
N PRO A 132 -4.80 11.19 4.61
CA PRO A 132 -4.38 11.69 5.91
C PRO A 132 -3.95 10.55 6.84
N GLN A 133 -3.41 10.96 7.99
CA GLN A 133 -3.26 10.07 9.12
C GLN A 133 -4.58 9.39 9.45
N GLY A 134 -4.53 8.08 9.66
CA GLY A 134 -5.68 7.34 10.14
C GLY A 134 -6.42 6.51 9.11
N THR A 135 -6.01 6.55 7.85
CA THR A 135 -6.61 5.65 6.86
C THR A 135 -6.27 4.21 7.22
N ILE A 136 -7.24 3.32 7.06
CA ILE A 136 -7.07 1.92 7.42
C ILE A 136 -7.64 1.06 6.30
N SER A 137 -6.90 0.05 5.92
CA SER A 137 -7.40 -0.98 5.02
C SER A 137 -8.01 -2.12 5.82
N PRO A 138 -8.92 -2.87 5.22
CA PRO A 138 -9.24 -4.18 5.80
C PRO A 138 -8.09 -5.14 5.54
N LEU A 139 -7.92 -6.09 6.45
CA LEU A 139 -7.00 -7.18 6.21
C LEU A 139 -7.44 -7.92 4.95
N HIS A 140 -6.59 -7.93 3.92
CA HIS A 140 -6.96 -8.48 2.63
C HIS A 140 -5.71 -9.01 1.93
N GLN A 141 -5.95 -9.74 0.83
CA GLN A 141 -4.88 -10.32 0.01
C GLN A 141 -5.14 -9.95 -1.45
N ASP A 142 -4.06 -9.80 -2.21
CA ASP A 142 -4.13 -9.44 -3.61
C ASP A 142 -3.62 -10.57 -4.50
N PRO A 143 -3.96 -10.57 -5.79
CA PRO A 143 -3.59 -11.70 -6.66
C PRO A 143 -2.25 -11.56 -7.37
N GLN A 144 -1.44 -10.56 -7.02
CA GLN A 144 -0.13 -10.36 -7.64
C GLN A 144 0.89 -10.06 -6.56
N GLN A 145 2.16 -10.07 -6.96
CA GLN A 145 3.22 -9.55 -6.09
C GLN A 145 3.05 -8.05 -5.92
N ASN A 146 3.65 -7.51 -4.86
CA ASN A 146 3.52 -6.08 -4.59
C ASN A 146 4.80 -5.53 -3.99
N PHE A 147 5.28 -4.41 -4.54
CA PHE A 147 6.25 -3.55 -3.89
C PHE A 147 5.50 -2.30 -3.46
N LEU A 148 5.42 -2.07 -2.14
CA LEU A 148 4.76 -0.89 -1.59
C LEU A 148 5.83 0.10 -1.16
N VAL A 149 5.92 1.21 -1.87
CA VAL A 149 6.97 2.21 -1.67
C VAL A 149 6.40 3.36 -0.85
N GLN A 150 7.02 3.64 0.29
CA GLN A 150 6.59 4.73 1.17
C GLN A 150 7.37 5.99 0.80
N VAL A 151 6.65 7.03 0.41
CA VAL A 151 7.24 8.32 0.04
C VAL A 151 7.09 9.35 1.15
N MET A 152 5.87 9.56 1.62
N MET A 152 5.87 9.53 1.64
CA MET A 152 5.59 10.52 2.67
CA MET A 152 5.54 10.52 2.66
C MET A 152 4.96 9.79 3.87
C MET A 152 4.95 9.80 3.86
N GLY A 153 5.41 10.15 5.06
CA GLY A 153 4.85 9.61 6.28
C GLY A 153 5.15 8.14 6.49
N ARG A 154 4.60 7.61 7.58
CA ARG A 154 4.80 6.23 7.99
C ARG A 154 3.49 5.47 7.95
N LYS A 155 3.61 4.14 7.84
CA LYS A 155 2.44 3.26 7.86
C LYS A 155 2.73 2.06 8.74
N TYR A 156 1.78 1.73 9.61
N TYR A 156 1.80 1.77 9.65
CA TYR A 156 1.81 0.49 10.37
CA TYR A 156 1.82 0.49 10.35
C TYR A 156 1.14 -0.59 9.54
C TYR A 156 1.20 -0.57 9.46
N ILE A 157 1.85 -1.72 9.37
CA ILE A 157 1.41 -2.79 8.49
C ILE A 157 1.54 -4.12 9.21
N ARG A 158 0.51 -4.96 9.09
N ARG A 158 0.49 -4.93 9.15
CA ARG A 158 0.47 -6.30 9.66
CA ARG A 158 0.53 -6.29 9.65
C ARG A 158 0.30 -7.32 8.54
C ARG A 158 0.41 -7.26 8.48
N LEU A 159 1.08 -8.40 8.60
CA LEU A 159 1.15 -9.39 7.53
C LEU A 159 0.87 -10.78 8.07
N TYR A 160 -0.08 -11.47 7.45
CA TYR A 160 -0.41 -12.85 7.78
C TYR A 160 -0.21 -13.71 6.54
N SER A 161 0.54 -14.80 6.71
N SER A 161 0.54 -14.81 6.69
CA SER A 161 0.81 -15.69 5.58
CA SER A 161 0.83 -15.65 5.54
C SER A 161 -0.48 -16.31 5.06
C SER A 161 -0.43 -16.36 5.08
N PRO A 162 -0.52 -16.71 3.79
CA PRO A 162 -1.71 -17.41 3.29
C PRO A 162 -1.97 -18.71 4.02
N GLN A 163 -0.95 -19.29 4.65
CA GLN A 163 -1.13 -20.50 5.44
C GLN A 163 -2.07 -20.28 6.62
N GLU A 164 -2.30 -19.03 7.02
CA GLU A 164 -3.11 -18.72 8.18
C GLU A 164 -4.53 -18.29 7.81
N SER A 165 -4.91 -18.43 6.54
CA SER A 165 -6.21 -17.95 6.08
C SER A 165 -7.35 -18.45 6.96
N GLY A 166 -7.27 -19.69 7.43
CA GLY A 166 -8.36 -20.25 8.22
C GLY A 166 -8.66 -19.46 9.48
N ALA A 167 -7.63 -18.87 10.08
CA ALA A 167 -7.78 -18.06 11.28
C ALA A 167 -8.15 -16.61 10.99
N LEU A 168 -8.30 -16.24 9.72
CA LEU A 168 -8.62 -14.88 9.33
C LEU A 168 -10.07 -14.71 8.91
N TYR A 169 -10.84 -15.79 8.88
CA TYR A 169 -12.27 -15.76 8.62
C TYR A 169 -12.61 -14.90 7.41
N PRO A 170 -12.20 -15.31 6.21
CA PRO A 170 -12.58 -14.56 5.01
C PRO A 170 -14.10 -14.48 4.88
N HIS A 171 -14.57 -13.38 4.29
CA HIS A 171 -15.99 -13.25 3.98
C HIS A 171 -16.44 -14.39 3.09
N ASP A 172 -17.73 -14.73 3.19
CA ASP A 172 -18.29 -15.86 2.46
C ASP A 172 -18.71 -15.48 1.04
N THR A 173 -18.99 -14.21 0.78
CA THR A 173 -19.33 -13.80 -0.58
C THR A 173 -18.12 -13.96 -1.50
N HIS A 174 -18.39 -14.16 -2.79
CA HIS A 174 -17.29 -14.30 -3.74
C HIS A 174 -16.52 -12.99 -3.90
N LEU A 175 -17.24 -11.86 -4.00
CA LEU A 175 -16.59 -10.58 -4.21
C LEU A 175 -15.69 -10.19 -3.04
N LEU A 176 -15.93 -10.76 -1.85
CA LEU A 176 -15.16 -10.41 -0.66
C LEU A 176 -14.35 -11.58 -0.12
N HIS A 177 -14.20 -12.66 -0.88
CA HIS A 177 -13.48 -13.82 -0.35
C HIS A 177 -12.02 -13.50 -0.09
N ASN A 178 -11.48 -12.44 -0.68
N ASN A 178 -11.47 -12.45 -0.71
CA ASN A 178 -10.11 -12.00 -0.47
CA ASN A 178 -10.10 -12.03 -0.45
C ASN A 178 -9.96 -11.08 0.74
C ASN A 178 -10.03 -10.92 0.61
N THR A 179 -11.03 -10.84 1.48
CA THR A 179 -11.04 -9.88 2.58
C THR A 179 -11.39 -10.60 3.88
N SER A 180 -10.70 -10.24 4.95
CA SER A 180 -11.00 -10.79 6.27
C SER A 180 -12.19 -10.09 6.89
N GLN A 181 -12.94 -10.84 7.70
CA GLN A 181 -14.03 -10.26 8.48
C GLN A 181 -13.53 -9.62 9.78
N VAL A 182 -12.28 -9.84 10.14
CA VAL A 182 -11.76 -9.44 11.45
C VAL A 182 -11.22 -8.03 11.38
N ASP A 183 -11.43 -7.27 12.45
N ASP A 183 -11.41 -7.27 12.45
CA ASP A 183 -10.78 -5.98 12.64
CA ASP A 183 -10.77 -5.97 12.61
C ASP A 183 -9.45 -6.24 13.35
C ASP A 183 -9.46 -6.20 13.35
N VAL A 184 -8.36 -6.13 12.60
CA VAL A 184 -7.07 -6.60 13.11
C VAL A 184 -6.74 -5.99 14.47
N GLU A 185 -6.96 -4.69 14.62
CA GLU A 185 -6.47 -3.97 15.79
C GLU A 185 -7.49 -3.92 16.93
N ASN A 186 -8.66 -4.52 16.76
CA ASN A 186 -9.62 -4.68 17.84
C ASN A 186 -10.52 -5.88 17.51
N PRO A 187 -9.95 -7.09 17.49
CA PRO A 187 -10.71 -8.25 17.01
C PRO A 187 -11.79 -8.70 17.97
N ASP A 188 -12.88 -9.19 17.39
CA ASP A 188 -13.96 -9.83 18.15
C ASP A 188 -13.55 -11.28 18.34
N LEU A 189 -12.88 -11.55 19.46
CA LEU A 189 -12.39 -12.89 19.74
C LEU A 189 -13.49 -13.85 20.19
N GLU A 190 -14.66 -13.33 20.56
N GLU A 190 -14.66 -13.34 20.57
CA GLU A 190 -15.80 -14.21 20.85
CA GLU A 190 -15.79 -14.23 20.83
C GLU A 190 -16.36 -14.79 19.55
C GLU A 190 -16.32 -14.81 19.53
N LYS A 191 -16.37 -14.00 18.47
CA LYS A 191 -16.81 -14.47 17.17
C LYS A 191 -15.67 -15.02 16.32
N PHE A 192 -14.44 -14.55 16.54
CA PHE A 192 -13.28 -14.93 15.73
C PHE A 192 -12.16 -15.40 16.65
N PRO A 193 -12.38 -16.48 17.42
CA PRO A 193 -11.38 -16.86 18.43
C PRO A 193 -10.06 -17.34 17.85
N LYS A 194 -10.06 -17.96 16.68
CA LYS A 194 -8.81 -18.45 16.09
C LYS A 194 -7.87 -17.33 15.71
N PHE A 195 -8.33 -16.08 15.67
CA PHE A 195 -7.48 -15.00 15.22
C PHE A 195 -6.38 -14.67 16.23
N ALA A 196 -6.64 -14.86 17.52
CA ALA A 196 -5.72 -14.37 18.54
C ALA A 196 -4.37 -15.08 18.50
N LYS A 197 -4.34 -16.35 18.11
CA LYS A 197 -3.11 -17.13 18.10
C LYS A 197 -2.52 -17.28 16.72
N ALA A 198 -3.03 -16.57 15.73
CA ALA A 198 -2.43 -16.58 14.40
C ALA A 198 -1.13 -15.79 14.42
N PRO A 199 0.00 -16.37 14.04
CA PRO A 199 1.25 -15.60 14.01
C PRO A 199 1.27 -14.62 12.85
N PHE A 200 2.06 -13.56 13.00
CA PHE A 200 2.14 -12.54 11.97
C PHE A 200 3.47 -11.81 12.04
N LEU A 201 3.75 -11.06 10.98
CA LEU A 201 4.82 -10.08 10.94
C LEU A 201 4.18 -8.69 10.91
N SER A 202 4.89 -7.72 11.46
CA SER A 202 4.45 -6.34 11.43
C SER A 202 5.64 -5.42 11.20
N CYS A 203 5.36 -4.19 10.82
CA CYS A 203 6.41 -3.19 10.64
C CYS A 203 5.77 -1.81 10.64
N ILE A 204 6.60 -0.81 10.92
CA ILE A 204 6.29 0.57 10.58
C ILE A 204 7.13 0.89 9.36
N LEU A 205 6.47 1.11 8.22
CA LEU A 205 7.14 1.44 6.97
C LEU A 205 7.35 2.95 6.90
N SER A 206 8.58 3.36 6.67
N SER A 206 8.59 3.36 6.69
CA SER A 206 8.97 4.76 6.70
CA SER A 206 8.97 4.76 6.70
C SER A 206 9.44 5.23 5.33
C SER A 206 9.40 5.23 5.32
N PRO A 207 9.46 6.54 5.09
CA PRO A 207 9.83 7.05 3.76
C PRO A 207 11.15 6.47 3.27
N GLY A 208 11.22 6.21 1.97
CA GLY A 208 12.38 5.62 1.36
C GLY A 208 12.41 4.11 1.37
N GLU A 209 11.52 3.47 2.12
CA GLU A 209 11.53 2.03 2.30
C GLU A 209 10.53 1.37 1.37
N ILE A 210 10.84 0.13 0.98
CA ILE A 210 10.00 -0.67 0.09
C ILE A 210 9.64 -1.95 0.83
N LEU A 211 8.35 -2.20 0.99
CA LEU A 211 7.87 -3.44 1.57
C LEU A 211 7.47 -4.39 0.43
N PHE A 212 8.10 -5.56 0.40
CA PHE A 212 7.67 -6.62 -0.50
C PHE A 212 6.55 -7.41 0.16
N ILE A 213 5.37 -7.36 -0.44
CA ILE A 213 4.22 -8.15 -0.01
C ILE A 213 4.06 -9.31 -1.00
N PRO A 214 4.43 -10.53 -0.64
CA PRO A 214 4.28 -11.66 -1.56
C PRO A 214 2.84 -11.82 -2.03
N VAL A 215 2.69 -12.43 -3.22
CA VAL A 215 1.37 -12.65 -3.78
C VAL A 215 0.51 -13.41 -2.79
N LYS A 216 -0.72 -12.95 -2.59
N LYS A 216 -0.72 -12.95 -2.59
CA LYS A 216 -1.74 -13.52 -1.71
CA LYS A 216 -1.73 -13.53 -1.72
C LYS A 216 -1.41 -13.39 -0.24
C LYS A 216 -1.41 -13.39 -0.24
N TYR A 217 -0.31 -12.73 0.13
CA TYR A 217 -0.04 -12.47 1.53
C TYR A 217 -1.09 -11.50 2.07
N TRP A 218 -1.72 -11.86 3.18
CA TRP A 218 -2.70 -10.96 3.81
C TRP A 218 -1.97 -9.78 4.41
N HIS A 219 -2.49 -8.57 4.17
CA HIS A 219 -1.88 -7.36 4.72
C HIS A 219 -2.94 -6.39 5.22
N TYR A 220 -2.56 -5.65 6.26
CA TYR A 220 -3.38 -4.64 6.91
C TYR A 220 -2.54 -3.39 7.06
N VAL A 221 -3.08 -2.24 6.67
CA VAL A 221 -2.29 -1.02 6.54
C VAL A 221 -3.02 0.14 7.21
N ARG A 222 -2.35 0.80 8.17
CA ARG A 222 -2.88 1.99 8.83
C ARG A 222 -1.85 3.10 8.75
N ALA A 223 -2.24 4.23 8.16
CA ALA A 223 -1.34 5.37 8.04
C ALA A 223 -1.20 6.08 9.39
N LEU A 224 0.05 6.28 9.81
CA LEU A 224 0.33 6.93 11.08
C LEU A 224 0.44 8.45 10.95
N ASP A 225 0.73 8.95 9.75
CA ASP A 225 0.85 10.37 9.50
C ASP A 225 0.19 10.66 8.16
N LEU A 226 0.12 11.94 7.81
CA LEU A 226 -0.09 12.30 6.40
C LEU A 226 0.86 11.46 5.56
N SER A 227 0.31 10.72 4.59
CA SER A 227 1.04 9.62 3.97
C SER A 227 0.82 9.60 2.47
N PHE A 228 1.87 9.20 1.75
CA PHE A 228 1.79 8.97 0.31
C PHE A 228 2.61 7.72 -0.01
N SER A 229 1.95 6.70 -0.56
CA SER A 229 2.59 5.45 -0.92
C SER A 229 2.32 5.15 -2.39
N VAL A 230 3.26 4.43 -3.01
CA VAL A 230 3.13 3.98 -4.39
C VAL A 230 3.31 2.47 -4.41
N SER A 231 2.30 1.76 -4.92
N SER A 231 2.31 1.77 -4.93
CA SER A 231 2.33 0.31 -4.98
CA SER A 231 2.31 0.32 -5.01
C SER A 231 2.59 -0.16 -6.42
C SER A 231 2.62 -0.13 -6.43
N PHE A 232 3.37 -1.22 -6.55
CA PHE A 232 3.69 -1.84 -7.84
C PHE A 232 3.13 -3.25 -7.80
N TRP A 233 2.08 -3.50 -8.60
CA TRP A 233 1.45 -4.82 -8.68
C TRP A 233 2.00 -5.53 -9.91
N TRP A 234 2.69 -6.65 -9.70
CA TRP A 234 3.40 -7.30 -10.78
C TRP A 234 3.40 -8.81 -10.57
N SER A 235 3.70 -9.52 -11.66
N SER A 235 3.72 -9.52 -11.65
CA SER A 235 3.76 -10.98 -11.65
CA SER A 235 3.88 -10.97 -11.59
C SER A 235 4.99 -11.46 -12.42
C SER A 235 4.96 -11.41 -12.58
MN MN B . -3.57 -4.53 -1.22
C10 HRF C . -9.90 2.59 2.30
C13 HRF C . -1.49 -2.38 -1.41
C1 HRF C . -4.50 -0.50 0.84
C2 HRF C . -4.58 -1.59 0.06
C3 HRF C . -2.46 -1.73 -0.64
C4 HRF C . -2.18 -0.60 0.10
C5 HRF C . -3.23 -0.05 0.80
C6 HRF C . -6.97 -0.26 0.92
C7 HRF C . -8.01 0.75 1.39
C8 HRF C . -9.12 1.07 0.66
C9 HRF C . -10.05 1.98 1.10
C11 HRF C . -8.82 2.29 3.06
C12 HRF C . -7.93 1.39 2.56
C14 HRF C . -2.90 1.06 1.51
N1 HRF C . -3.72 -2.19 -0.63
N2 HRF C . -5.58 -0.11 1.41
O1 HRF C . -0.42 -1.86 -1.61
O2 HRF C . -1.78 -3.54 -1.93
O3 HRF C . -3.69 1.63 2.24
O4 HRF C . -1.65 1.64 1.48
H08 HRF C . -10.59 3.18 2.49
H01 HRF C . -5.42 -1.98 0.01
H02 HRF C . -1.32 -0.24 0.12
H04 HRF C . -7.09 -0.09 -0.03
H05 HRF C . -7.45 -1.04 1.21
H06 HRF C . -9.22 0.65 -0.16
H07 HRF C . -10.78 2.14 0.54
H09 HRF C . -8.61 2.64 3.89
H10 HRF C . -7.20 1.22 3.13
H03 HRF C . -5.45 0.27 2.17
#